data_5JMS
#
_entry.id   5JMS
#
_cell.length_a   48.169
_cell.length_b   72.750
_cell.length_c   65.276
_cell.angle_alpha   90.000
_cell.angle_beta   98.620
_cell.angle_gamma   90.000
#
_symmetry.space_group_name_H-M   'P 1 21 1'
#
loop_
_entity.id
_entity.type
_entity.pdbx_description
1 polymer 'Calmodulin-domain protein kinase 1'
2 non-polymer N~1~-(4-{2-[(3-chlorophenyl)amino]pyrimidin-4-yl}pyridin-2-yl)ethane-1,2-diamine
3 non-polymer 'CALCIUM ION'
4 non-polymer 1,2-ETHANEDIOL
5 water water
#
_entity_poly.entity_id   1
_entity_poly.type   'polypeptide(L)'
_entity_poly.pdbx_seq_one_letter_code
;MHHHHHHSSGRENLYFQGMGQQESTLGGAAGEPRSRGHAAGTSGGPGDHLHATPGMFVQHSTAIFSDRYKGQRVLGKGSF
GEVILCKDKITGQECAVKVISKRQVKQKTDKESLLREVQLLKQLDHPNIMKLYEFFEDKGYFYLVGEVYTGGELFDEIIS
RKRFSEVDAARIIRQVLSGITYMHKNKIVHRDLKPENLLLESKSKDANIRIIDFGLSTHFEASKKMKDKIGTAYYIAPEV
LHGTYDEKCDVWSTGVILYILLSGCPPFNGANEYDILKKVEKGKYTFELPQWKKVSESAKDLIRKMLTYVPSMRISARDA
LDHEWIQTYTKEQISVDVPSLDNAILNIRQFQGTQKLAQAALLYMGSKLTSQDETKELTAIFHKMDKNGDGQLDRAELIE
GYKELMRMKGQDASMLDASAVEHEVDQVLDAVDFDKNGYIEYSEFVTVAMDRKTLLSRERLERAFRMFDSDNSGKISSTE
LATIFGVSDVDSETWKSVLSEVDKNNDGEVDFDEFQQMLLKLCGN
;
_entity_poly.pdbx_strand_id   A
#
# COMPACT_ATOMS: atom_id res chain seq x y z
N THR A 62 11.31 11.82 27.04
CA THR A 62 11.17 10.97 25.86
C THR A 62 12.15 11.42 24.76
N ALA A 63 12.82 10.45 24.10
CA ALA A 63 13.78 10.74 23.04
C ALA A 63 13.08 11.28 21.79
N ILE A 64 13.77 12.19 21.05
CA ILE A 64 13.22 12.80 19.84
C ILE A 64 13.70 12.00 18.63
N PHE A 65 12.81 11.83 17.63
CA PHE A 65 13.12 11.07 16.42
C PHE A 65 14.11 11.80 15.52
N SER A 66 13.81 13.07 15.20
CA SER A 66 14.62 13.91 14.29
C SER A 66 16.07 14.08 14.78
N ASP A 67 16.30 14.06 16.10
CA ASP A 67 17.65 14.19 16.66
C ASP A 67 18.51 12.94 16.38
N ARG A 68 17.88 11.76 16.12
CA ARG A 68 18.60 10.52 15.84
C ARG A 68 18.62 10.19 14.34
N TYR A 69 17.51 10.44 13.62
CA TYR A 69 17.40 10.06 12.20
C TYR A 69 17.15 11.27 11.30
N LYS A 70 17.52 11.13 10.02
CA LYS A 70 17.28 12.14 8.98
C LYS A 70 16.64 11.46 7.76
N GLY A 71 15.59 12.07 7.23
CA GLY A 71 14.87 11.52 6.07
C GLY A 71 15.67 11.63 4.78
N GLN A 72 15.87 10.49 4.07
CA GLN A 72 16.62 10.45 2.82
C GLN A 72 15.72 10.43 1.60
N ARG A 73 14.74 9.51 1.57
CA ARG A 73 13.86 9.33 0.42
C ARG A 73 12.54 8.68 0.83
N VAL A 74 11.43 9.02 0.14
CA VAL A 74 10.11 8.43 0.43
C VAL A 74 10.04 7.06 -0.24
N LEU A 75 9.96 5.99 0.57
CA LEU A 75 9.89 4.62 0.03
C LEU A 75 8.51 4.32 -0.55
N GLY A 76 7.45 4.74 0.13
CA GLY A 76 6.09 4.53 -0.34
C GLY A 76 5.03 4.84 0.70
N LYS A 77 3.75 4.53 0.36
CA LYS A 77 2.61 4.76 1.25
C LYS A 77 2.14 3.44 1.85
N GLY A 78 2.07 3.38 3.18
CA GLY A 78 1.63 2.19 3.91
C GLY A 78 0.15 2.21 4.24
N SER A 79 -0.27 1.32 5.15
CA SER A 79 -1.67 1.20 5.55
C SER A 79 -2.10 2.33 6.49
N PHE A 80 -1.26 2.64 7.52
CA PHE A 80 -1.56 3.66 8.52
C PHE A 80 -0.73 4.95 8.33
N GLY A 81 0.13 5.00 7.32
CA GLY A 81 0.94 6.19 7.08
C GLY A 81 2.02 6.01 6.05
N GLU A 82 2.81 7.08 5.83
CA GLU A 82 3.90 7.08 4.84
C GLU A 82 5.12 6.36 5.38
N VAL A 83 5.89 5.72 4.49
CA VAL A 83 7.12 5.00 4.84
C VAL A 83 8.30 5.77 4.26
N ILE A 84 9.24 6.18 5.12
CA ILE A 84 10.41 6.98 4.74
C ILE A 84 11.71 6.21 4.95
N LEU A 85 12.65 6.32 3.99
CA LEU A 85 13.99 5.76 4.16
C LEU A 85 14.74 6.77 5.00
N CYS A 86 15.19 6.37 6.18
CA CYS A 86 15.93 7.25 7.08
C CYS A 86 17.30 6.69 7.34
N LYS A 87 18.20 7.53 7.84
CA LYS A 87 19.58 7.16 8.12
C LYS A 87 19.97 7.67 9.51
N ASP A 88 20.60 6.82 10.34
CA ASP A 88 21.06 7.22 11.67
C ASP A 88 22.16 8.30 11.48
N LYS A 89 22.07 9.40 12.24
CA LYS A 89 23.03 10.50 12.13
C LYS A 89 24.42 10.15 12.68
N ILE A 90 24.56 9.06 13.48
CA ILE A 90 25.86 8.63 14.03
C ILE A 90 26.40 7.42 13.29
N THR A 91 25.69 6.28 13.37
CA THR A 91 26.17 5.00 12.84
C THR A 91 25.99 4.86 11.31
N GLY A 92 25.14 5.70 10.72
CA GLY A 92 24.87 5.63 9.29
C GLY A 92 23.97 4.48 8.84
N GLN A 93 23.38 3.73 9.80
CA GLN A 93 22.51 2.60 9.48
C GLN A 93 21.21 3.08 8.83
N GLU A 94 20.83 2.47 7.68
CA GLU A 94 19.59 2.81 6.98
C GLU A 94 18.42 2.11 7.66
N CYS A 95 17.24 2.77 7.70
CA CYS A 95 16.05 2.21 8.32
CA CYS A 95 16.04 2.24 8.35
C CYS A 95 14.79 2.69 7.60
N ALA A 96 13.74 1.85 7.58
CA ALA A 96 12.45 2.18 6.97
C ALA A 96 11.56 2.62 8.12
N VAL A 97 11.08 3.87 8.09
CA VAL A 97 10.28 4.43 9.18
C VAL A 97 8.86 4.69 8.73
N LYS A 98 7.88 3.98 9.32
CA LYS A 98 6.48 4.25 9.05
C LYS A 98 6.04 5.40 9.97
N VAL A 99 5.55 6.51 9.39
CA VAL A 99 5.11 7.68 10.14
C VAL A 99 3.58 7.69 10.18
N ILE A 100 2.99 7.43 11.35
CA ILE A 100 1.54 7.40 11.53
C ILE A 100 1.09 8.74 12.13
N SER A 101 0.26 9.50 11.39
CA SER A 101 -0.25 10.78 11.87
C SER A 101 -1.40 10.55 12.85
N LYS A 102 -1.26 11.05 14.10
CA LYS A 102 -2.25 10.87 15.16
C LYS A 102 -3.65 11.42 14.80
N ARG A 103 -3.72 12.51 14.02
N ARG A 103 -3.72 12.51 14.00
CA ARG A 103 -4.99 13.10 13.60
CA ARG A 103 -5.01 13.09 13.60
C ARG A 103 -5.67 12.25 12.51
C ARG A 103 -5.67 12.25 12.51
N GLN A 104 -4.89 11.77 11.52
CA GLN A 104 -5.43 10.93 10.43
C GLN A 104 -5.69 9.47 10.88
N VAL A 105 -5.08 9.02 12.01
CA VAL A 105 -5.25 7.64 12.51
C VAL A 105 -5.60 7.65 14.01
N LYS A 106 -6.78 7.11 14.37
CA LYS A 106 -7.21 7.02 15.77
C LYS A 106 -6.64 5.76 16.41
N GLN A 107 -6.46 5.77 17.74
CA GLN A 107 -5.93 4.64 18.49
C GLN A 107 -7.05 3.78 19.07
N LYS A 108 -7.06 2.48 18.76
CA LYS A 108 -8.07 1.54 19.28
C LYS A 108 -7.83 1.24 20.77
N THR A 109 -6.55 1.25 21.20
CA THR A 109 -6.14 0.95 22.57
C THR A 109 -5.59 2.19 23.28
N ASP A 110 -5.36 2.06 24.61
CA ASP A 110 -4.78 3.14 25.41
C ASP A 110 -3.24 3.15 25.23
N LYS A 111 -2.57 4.16 25.80
CA LYS A 111 -1.11 4.36 25.64
C LYS A 111 -0.29 3.18 26.21
N GLU A 112 -0.61 2.71 27.43
CA GLU A 112 0.17 1.63 28.07
C GLU A 112 0.04 0.28 27.33
N SER A 113 -1.10 0.02 26.65
CA SER A 113 -1.27 -1.22 25.89
C SER A 113 -0.41 -1.19 24.61
N LEU A 114 -0.27 -0.01 23.99
CA LEU A 114 0.55 0.17 22.79
C LEU A 114 2.05 0.01 23.11
N LEU A 115 2.51 0.61 24.23
CA LEU A 115 3.90 0.50 24.66
C LEU A 115 4.29 -0.94 25.00
N ARG A 116 3.35 -1.74 25.55
CA ARG A 116 3.60 -3.14 25.91
C ARG A 116 3.78 -4.00 24.66
N GLU A 117 2.93 -3.81 23.63
CA GLU A 117 3.04 -4.55 22.36
C GLU A 117 4.34 -4.17 21.66
N VAL A 118 4.66 -2.86 21.62
CA VAL A 118 5.90 -2.36 21.01
C VAL A 118 7.10 -3.05 21.64
N GLN A 119 7.17 -3.04 22.98
CA GLN A 119 8.25 -3.66 23.75
C GLN A 119 8.39 -5.16 23.40
N LEU A 120 7.26 -5.87 23.28
CA LEU A 120 7.26 -7.29 22.91
C LEU A 120 7.76 -7.45 21.47
N LEU A 121 7.19 -6.68 20.51
CA LEU A 121 7.59 -6.74 19.08
C LEU A 121 9.11 -6.45 18.88
N LYS A 122 9.71 -5.56 19.70
CA LYS A 122 11.14 -5.23 19.59
C LYS A 122 12.05 -6.42 19.98
N GLN A 123 11.53 -7.38 20.77
CA GLN A 123 12.30 -8.56 21.20
C GLN A 123 12.06 -9.78 20.29
N LEU A 124 11.07 -9.72 19.40
CA LEU A 124 10.77 -10.84 18.50
C LEU A 124 11.75 -10.87 17.34
N ASP A 125 12.09 -12.09 16.85
CA ASP A 125 13.02 -12.27 15.73
C ASP A 125 12.68 -13.54 14.93
N HIS A 126 12.38 -13.36 13.63
CA HIS A 126 12.10 -14.47 12.73
C HIS A 126 12.52 -14.05 11.30
N PRO A 127 13.09 -14.97 10.48
CA PRO A 127 13.55 -14.54 9.14
C PRO A 127 12.42 -14.09 8.19
N ASN A 128 11.14 -14.43 8.46
CA ASN A 128 10.03 -14.01 7.60
C ASN A 128 9.14 -12.94 8.25
N ILE A 129 9.70 -12.18 9.20
CA ILE A 129 8.99 -11.09 9.88
C ILE A 129 9.87 -9.86 9.85
N MET A 130 9.30 -8.70 9.52
CA MET A 130 10.09 -7.46 9.53
C MET A 130 10.51 -7.14 10.96
N LYS A 131 11.77 -6.73 11.13
CA LYS A 131 12.29 -6.41 12.45
C LYS A 131 11.95 -4.96 12.81
N LEU A 132 11.29 -4.77 13.97
CA LEU A 132 10.98 -3.45 14.51
C LEU A 132 12.14 -3.11 15.46
N TYR A 133 12.91 -2.05 15.15
CA TYR A 133 14.06 -1.67 15.96
C TYR A 133 13.67 -0.71 17.07
N GLU A 134 13.03 0.41 16.71
CA GLU A 134 12.70 1.47 17.65
C GLU A 134 11.27 1.95 17.47
N PHE A 135 10.83 2.74 18.44
CA PHE A 135 9.50 3.35 18.46
C PHE A 135 9.60 4.73 19.11
N PHE A 136 9.11 5.77 18.43
CA PHE A 136 9.10 7.13 18.96
C PHE A 136 7.70 7.71 18.89
N GLU A 137 7.44 8.72 19.71
CA GLU A 137 6.16 9.40 19.76
C GLU A 137 6.35 10.86 20.14
N ASP A 138 5.75 11.77 19.37
CA ASP A 138 5.75 13.19 19.69
C ASP A 138 4.28 13.64 19.80
N LYS A 139 4.01 14.95 19.91
CA LYS A 139 2.66 15.48 20.11
C LYS A 139 1.64 15.00 19.04
N GLY A 140 2.07 14.85 17.79
CA GLY A 140 1.17 14.49 16.68
C GLY A 140 1.54 13.32 15.80
N TYR A 141 2.58 12.52 16.16
CA TYR A 141 2.99 11.39 15.31
C TYR A 141 3.56 10.23 16.10
N PHE A 142 3.49 9.03 15.49
CA PHE A 142 4.10 7.80 15.98
C PHE A 142 5.09 7.37 14.90
N TYR A 143 6.34 7.04 15.27
CA TYR A 143 7.35 6.61 14.29
C TYR A 143 7.75 5.18 14.60
N LEU A 144 7.55 4.27 13.64
CA LEU A 144 7.88 2.86 13.79
C LEU A 144 9.12 2.61 12.94
N VAL A 145 10.27 2.46 13.59
CA VAL A 145 11.56 2.30 12.90
C VAL A 145 11.93 0.83 12.76
N GLY A 146 12.10 0.39 11.52
CA GLY A 146 12.48 -0.99 11.23
C GLY A 146 13.49 -1.12 10.10
N GLU A 147 13.78 -2.37 9.74
CA GLU A 147 14.78 -2.69 8.71
C GLU A 147 14.26 -2.36 7.30
N VAL A 148 15.21 -2.07 6.37
CA VAL A 148 14.89 -1.74 4.98
CA VAL A 148 14.93 -1.74 4.96
C VAL A 148 15.00 -3.00 4.11
N TYR A 149 14.10 -3.14 3.12
CA TYR A 149 14.07 -4.25 2.17
C TYR A 149 13.84 -3.65 0.79
N THR A 150 14.70 -4.01 -0.18
CA THR A 150 14.70 -3.41 -1.54
C THR A 150 14.21 -4.37 -2.64
N GLY A 151 13.83 -5.60 -2.28
CA GLY A 151 13.35 -6.59 -3.25
C GLY A 151 11.97 -6.31 -3.82
N GLY A 152 11.22 -5.38 -3.23
CA GLY A 152 9.89 -5.01 -3.69
C GLY A 152 8.81 -5.96 -3.21
N GLU A 153 7.58 -5.76 -3.70
CA GLU A 153 6.44 -6.60 -3.31
C GLU A 153 6.52 -7.96 -4.01
N LEU A 154 6.01 -9.02 -3.35
CA LEU A 154 6.04 -10.39 -3.87
C LEU A 154 5.44 -10.49 -5.29
N PHE A 155 4.21 -9.99 -5.48
CA PHE A 155 3.50 -10.09 -6.76
C PHE A 155 4.21 -9.32 -7.89
N ASP A 156 4.94 -8.21 -7.58
CA ASP A 156 5.69 -7.47 -8.62
C ASP A 156 6.84 -8.32 -9.19
N GLU A 157 7.43 -9.21 -8.35
CA GLU A 157 8.51 -10.09 -8.80
C GLU A 157 7.94 -11.26 -9.63
N ILE A 158 6.76 -11.77 -9.26
CA ILE A 158 6.14 -12.91 -9.95
C ILE A 158 5.68 -12.51 -11.38
N ILE A 159 5.25 -11.25 -11.58
CA ILE A 159 4.80 -10.81 -12.91
C ILE A 159 6.00 -10.59 -13.87
N SER A 160 7.22 -10.36 -13.32
CA SER A 160 8.42 -10.13 -14.13
C SER A 160 9.02 -11.44 -14.68
N ARG A 161 8.95 -12.55 -13.91
CA ARG A 161 9.53 -13.83 -14.33
C ARG A 161 8.66 -14.51 -15.40
N LYS A 162 9.27 -15.42 -16.19
CA LYS A 162 8.59 -16.11 -17.29
C LYS A 162 7.90 -17.41 -16.83
N ARG A 163 8.50 -18.14 -15.87
CA ARG A 163 7.94 -19.41 -15.37
C ARG A 163 7.61 -19.33 -13.88
N PHE A 164 6.48 -19.95 -13.47
CA PHE A 164 6.03 -19.99 -12.08
C PHE A 164 5.23 -21.28 -11.87
N SER A 165 5.67 -22.14 -10.95
CA SER A 165 5.03 -23.44 -10.70
C SER A 165 4.56 -23.56 -9.25
N GLU A 166 3.92 -24.71 -8.92
CA GLU A 166 3.47 -25.02 -7.56
C GLU A 166 4.63 -25.08 -6.57
N VAL A 167 5.86 -25.41 -7.06
CA VAL A 167 7.05 -25.46 -6.22
C VAL A 167 7.40 -24.03 -5.75
N ASP A 168 7.27 -23.04 -6.65
CA ASP A 168 7.52 -21.63 -6.30
C ASP A 168 6.42 -21.14 -5.37
N ALA A 169 5.16 -21.51 -5.64
CA ALA A 169 4.02 -21.14 -4.80
C ALA A 169 4.16 -21.76 -3.40
N ALA A 170 4.58 -23.04 -3.33
CA ALA A 170 4.78 -23.73 -2.05
C ALA A 170 5.92 -23.13 -1.26
N ARG A 171 7.02 -22.74 -1.95
CA ARG A 171 8.17 -22.10 -1.32
C ARG A 171 7.80 -20.72 -0.75
N ILE A 172 6.85 -20.02 -1.42
CA ILE A 172 6.36 -18.72 -0.96
C ILE A 172 5.50 -18.89 0.30
N ILE A 173 4.47 -19.76 0.22
CA ILE A 173 3.52 -19.95 1.32
C ILE A 173 4.20 -20.61 2.53
N ARG A 174 5.22 -21.47 2.33
CA ARG A 174 5.96 -22.07 3.46
C ARG A 174 6.63 -20.97 4.29
N GLN A 175 7.15 -19.93 3.63
CA GLN A 175 7.78 -18.79 4.30
C GLN A 175 6.74 -17.95 5.02
N VAL A 176 5.60 -17.67 4.36
CA VAL A 176 4.53 -16.87 4.96
C VAL A 176 3.97 -17.60 6.19
N LEU A 177 3.74 -18.92 6.09
CA LEU A 177 3.24 -19.73 7.22
C LEU A 177 4.26 -19.82 8.38
N SER A 178 5.57 -19.84 8.08
CA SER A 178 6.61 -19.90 9.12
C SER A 178 6.56 -18.64 9.98
N GLY A 179 6.52 -17.48 9.33
CA GLY A 179 6.41 -16.19 10.02
C GLY A 179 5.12 -16.07 10.81
N ILE A 180 3.99 -16.51 10.21
CA ILE A 180 2.69 -16.45 10.88
C ILE A 180 2.68 -17.37 12.12
N THR A 181 3.15 -18.63 11.97
CA THR A 181 3.19 -19.60 13.08
C THR A 181 3.96 -19.01 14.25
N TYR A 182 5.14 -18.43 13.96
CA TYR A 182 5.99 -17.82 14.97
C TYR A 182 5.29 -16.66 15.68
N MET A 183 4.64 -15.75 14.90
CA MET A 183 3.95 -14.60 15.49
C MET A 183 2.71 -15.04 16.29
N HIS A 184 2.01 -16.10 15.85
CA HIS A 184 0.85 -16.63 16.58
C HIS A 184 1.27 -17.23 17.92
N LYS A 185 2.42 -17.93 17.97
CA LYS A 185 2.95 -18.48 19.24
C LYS A 185 3.19 -17.36 20.26
N ASN A 186 3.54 -16.14 19.77
CA ASN A 186 3.78 -14.97 20.63
C ASN A 186 2.51 -14.09 20.80
N LYS A 187 1.31 -14.62 20.44
CA LYS A 187 0.00 -13.97 20.62
C LYS A 187 -0.16 -12.67 19.76
N ILE A 188 0.56 -12.56 18.63
CA ILE A 188 0.45 -11.41 17.73
C ILE A 188 -0.37 -11.82 16.51
N VAL A 189 -1.45 -11.09 16.22
CA VAL A 189 -2.31 -11.33 15.05
C VAL A 189 -2.07 -10.19 14.05
N HIS A 190 -2.05 -10.49 12.75
CA HIS A 190 -1.88 -9.46 11.71
C HIS A 190 -3.24 -8.84 11.37
N ARG A 191 -4.20 -9.67 10.91
CA ARG A 191 -5.58 -9.29 10.52
C ARG A 191 -5.64 -8.71 9.09
N ASP A 192 -4.66 -7.88 8.68
CA ASP A 192 -4.67 -7.24 7.37
C ASP A 192 -3.58 -7.83 6.47
N LEU A 193 -3.41 -9.15 6.48
CA LEU A 193 -2.40 -9.79 5.65
C LEU A 193 -2.85 -9.78 4.19
N LYS A 194 -2.01 -9.26 3.30
CA LYS A 194 -2.30 -9.14 1.87
C LYS A 194 -0.97 -9.12 1.09
N PRO A 195 -0.99 -9.36 -0.24
CA PRO A 195 0.27 -9.40 -1.01
C PRO A 195 1.16 -8.16 -0.84
N GLU A 196 0.56 -6.97 -0.69
CA GLU A 196 1.29 -5.71 -0.48
C GLU A 196 2.18 -5.79 0.79
N ASN A 197 1.78 -6.58 1.81
CA ASN A 197 2.54 -6.73 3.04
C ASN A 197 3.59 -7.87 2.97
N LEU A 198 3.78 -8.49 1.80
CA LEU A 198 4.82 -9.51 1.62
C LEU A 198 5.94 -8.87 0.78
N LEU A 199 7.06 -8.49 1.44
CA LEU A 199 8.20 -7.85 0.78
C LEU A 199 9.35 -8.82 0.66
N LEU A 200 10.10 -8.73 -0.44
CA LEU A 200 11.26 -9.57 -0.66
C LEU A 200 12.49 -8.88 -0.07
N GLU A 201 13.29 -9.62 0.72
CA GLU A 201 14.44 -9.07 1.45
C GLU A 201 15.51 -8.51 0.50
N SER A 202 15.79 -9.20 -0.61
CA SER A 202 16.80 -8.77 -1.58
C SER A 202 16.27 -8.79 -3.00
N LYS A 203 16.98 -8.11 -3.93
CA LYS A 203 16.58 -8.02 -5.33
C LYS A 203 17.13 -9.23 -6.10
N SER A 204 16.36 -10.34 -6.09
CA SER A 204 16.72 -11.59 -6.78
C SER A 204 15.47 -12.26 -7.34
N LYS A 205 15.66 -13.26 -8.24
CA LYS A 205 14.55 -14.02 -8.83
C LYS A 205 13.84 -14.82 -7.73
N ASP A 206 14.62 -15.46 -6.84
CA ASP A 206 14.12 -16.18 -5.67
C ASP A 206 14.78 -15.55 -4.45
N ALA A 207 13.97 -14.97 -3.53
CA ALA A 207 14.49 -14.27 -2.35
C ALA A 207 13.67 -14.54 -1.10
N ASN A 208 14.22 -14.17 0.06
CA ASN A 208 13.57 -14.37 1.36
C ASN A 208 12.41 -13.37 1.54
N ILE A 209 11.23 -13.85 1.97
CA ILE A 209 10.04 -13.01 2.15
C ILE A 209 9.99 -12.49 3.59
N ARG A 210 9.63 -11.20 3.76
CA ARG A 210 9.48 -10.54 5.07
C ARG A 210 8.07 -9.96 5.16
N ILE A 211 7.29 -10.38 6.18
CA ILE A 211 5.92 -9.86 6.38
C ILE A 211 6.04 -8.53 7.14
N ILE A 212 5.33 -7.50 6.68
CA ILE A 212 5.34 -6.17 7.31
C ILE A 212 3.98 -5.87 7.97
N ASP A 213 3.99 -4.97 8.97
CA ASP A 213 2.83 -4.48 9.72
C ASP A 213 2.16 -5.55 10.61
N PHE A 214 2.94 -6.49 11.16
CA PHE A 214 2.36 -7.49 12.08
C PHE A 214 2.05 -6.82 13.44
N GLY A 215 0.80 -6.91 13.89
CA GLY A 215 0.38 -6.38 15.19
C GLY A 215 -0.10 -4.94 15.21
N LEU A 216 -0.03 -4.20 14.10
CA LEU A 216 -0.47 -2.79 14.09
C LEU A 216 -1.98 -2.66 14.15
N SER A 217 -2.70 -3.53 13.42
CA SER A 217 -4.16 -3.54 13.31
C SER A 217 -4.88 -3.50 14.68
N THR A 218 -4.31 -4.15 15.68
CA THR A 218 -4.90 -4.20 17.02
C THR A 218 -4.90 -2.84 17.72
N HIS A 219 -3.95 -1.94 17.39
CA HIS A 219 -3.79 -0.65 18.07
C HIS A 219 -4.16 0.57 17.23
N PHE A 220 -4.42 0.42 15.92
CA PHE A 220 -4.72 1.57 15.06
C PHE A 220 -5.97 1.31 14.21
N GLU A 221 -6.83 2.34 14.08
CA GLU A 221 -8.08 2.23 13.32
C GLU A 221 -7.79 2.30 11.82
N ALA A 222 -8.42 1.40 11.03
CA ALA A 222 -8.23 1.36 9.58
C ALA A 222 -8.88 2.58 8.93
N SER A 223 -8.26 3.10 7.86
CA SER A 223 -8.76 4.26 7.13
C SER A 223 -10.04 3.93 6.38
N LYS A 224 -10.96 4.91 6.25
CA LYS A 224 -12.21 4.77 5.51
C LYS A 224 -12.04 5.30 4.08
N LYS A 225 -10.87 5.91 3.76
CA LYS A 225 -10.59 6.49 2.44
C LYS A 225 -10.29 5.36 1.46
N MET A 226 -10.91 5.39 0.26
CA MET A 226 -10.76 4.33 -0.74
C MET A 226 -9.31 4.19 -1.24
N LYS A 227 -8.54 5.30 -1.28
CA LYS A 227 -7.13 5.25 -1.70
C LYS A 227 -6.27 4.35 -0.76
N ASP A 228 -6.71 4.16 0.50
CA ASP A 228 -6.01 3.33 1.49
C ASP A 228 -6.65 1.93 1.64
N LYS A 229 -7.87 1.71 1.09
CA LYS A 229 -8.59 0.44 1.17
C LYS A 229 -8.46 -0.42 -0.12
N ILE A 230 -7.73 0.05 -1.17
CA ILE A 230 -7.60 -0.75 -2.41
C ILE A 230 -6.93 -2.10 -2.11
N GLY A 231 -7.54 -3.17 -2.61
CA GLY A 231 -7.03 -4.53 -2.44
C GLY A 231 -7.00 -5.05 -1.02
N THR A 232 -8.01 -4.70 -0.20
CA THR A 232 -8.13 -5.21 1.19
C THR A 232 -9.26 -6.22 1.29
N ALA A 233 -10.41 -5.94 0.63
CA ALA A 233 -11.61 -6.77 0.68
C ALA A 233 -11.40 -8.21 0.22
N TYR A 234 -10.43 -8.46 -0.69
CA TYR A 234 -10.22 -9.82 -1.19
C TYR A 234 -9.70 -10.77 -0.11
N TYR A 235 -8.88 -10.25 0.83
CA TYR A 235 -8.12 -11.05 1.79
C TYR A 235 -8.70 -11.09 3.19
N ILE A 236 -9.65 -10.21 3.53
CA ILE A 236 -10.19 -10.13 4.89
C ILE A 236 -11.04 -11.39 5.21
N ALA A 237 -10.86 -11.96 6.41
CA ALA A 237 -11.64 -13.14 6.83
C ALA A 237 -13.06 -12.74 7.19
N PRO A 238 -14.06 -13.60 6.90
CA PRO A 238 -15.46 -13.26 7.22
C PRO A 238 -15.70 -12.87 8.68
N GLU A 239 -15.05 -13.57 9.61
CA GLU A 239 -15.24 -13.32 11.05
C GLU A 239 -14.72 -11.93 11.46
N VAL A 240 -13.76 -11.36 10.71
CA VAL A 240 -13.28 -10.01 11.00
C VAL A 240 -14.39 -9.00 10.67
N LEU A 241 -15.16 -9.26 9.59
CA LEU A 241 -16.26 -8.39 9.20
C LEU A 241 -17.38 -8.34 10.26
N HIS A 242 -17.64 -9.45 10.98
CA HIS A 242 -18.73 -9.49 11.97
C HIS A 242 -18.26 -9.21 13.44
N GLY A 243 -16.97 -8.99 13.66
CA GLY A 243 -16.45 -8.56 14.98
C GLY A 243 -15.70 -9.58 15.82
N THR A 244 -16.11 -10.86 15.81
CA THR A 244 -15.46 -11.88 16.63
C THR A 244 -14.41 -12.60 15.81
N TYR A 245 -13.13 -12.36 16.09
CA TYR A 245 -12.06 -13.03 15.37
C TYR A 245 -10.86 -13.28 16.28
N ASP A 246 -9.99 -14.18 15.84
CA ASP A 246 -8.77 -14.55 16.54
C ASP A 246 -7.66 -14.73 15.49
N GLU A 247 -6.49 -15.27 15.88
CA GLU A 247 -5.36 -15.48 14.97
C GLU A 247 -5.73 -16.30 13.68
N LYS A 248 -6.81 -17.13 13.70
CA LYS A 248 -7.21 -17.91 12.52
C LYS A 248 -7.54 -17.04 11.30
N CYS A 249 -7.84 -15.75 11.48
CA CYS A 249 -8.12 -14.86 10.36
C CYS A 249 -6.89 -14.76 9.42
N ASP A 250 -5.66 -14.93 9.95
CA ASP A 250 -4.43 -14.87 9.13
C ASP A 250 -4.28 -16.11 8.25
N VAL A 251 -4.85 -17.26 8.66
CA VAL A 251 -4.80 -18.48 7.85
C VAL A 251 -5.70 -18.29 6.63
N TRP A 252 -6.90 -17.71 6.84
CA TRP A 252 -7.83 -17.41 5.75
C TRP A 252 -7.15 -16.52 4.72
N SER A 253 -6.59 -15.37 5.18
CA SER A 253 -5.90 -14.42 4.30
C SER A 253 -4.78 -15.09 3.49
N THR A 254 -4.03 -16.01 4.13
CA THR A 254 -2.96 -16.73 3.43
C THR A 254 -3.57 -17.69 2.40
N GLY A 255 -4.70 -18.31 2.75
CA GLY A 255 -5.44 -19.19 1.84
C GLY A 255 -5.88 -18.48 0.58
N VAL A 256 -6.34 -17.22 0.73
CA VAL A 256 -6.74 -16.38 -0.41
C VAL A 256 -5.52 -16.07 -1.30
N ILE A 257 -4.37 -15.74 -0.69
CA ILE A 257 -3.15 -15.43 -1.44
C ILE A 257 -2.69 -16.68 -2.21
N LEU A 258 -2.71 -17.84 -1.55
CA LEU A 258 -2.37 -19.12 -2.19
C LEU A 258 -3.30 -19.38 -3.39
N TYR A 259 -4.61 -19.12 -3.24
CA TYR A 259 -5.57 -19.28 -4.35
C TYR A 259 -5.17 -18.39 -5.54
N ILE A 260 -4.78 -17.13 -5.28
CA ILE A 260 -4.38 -16.19 -6.34
C ILE A 260 -3.04 -16.62 -6.96
N LEU A 261 -2.10 -17.18 -6.18
CA LEU A 261 -0.81 -17.61 -6.74
C LEU A 261 -1.00 -18.72 -7.79
N LEU A 262 -1.87 -19.69 -7.51
CA LEU A 262 -2.08 -20.85 -8.39
C LEU A 262 -3.12 -20.61 -9.53
N SER A 263 -3.85 -19.47 -9.52
CA SER A 263 -4.85 -19.19 -10.59
C SER A 263 -4.80 -17.74 -11.15
N GLY A 264 -4.32 -16.78 -10.38
CA GLY A 264 -4.27 -15.37 -10.75
C GLY A 264 -5.60 -14.64 -10.63
N CYS A 265 -6.61 -15.29 -10.00
CA CYS A 265 -7.94 -14.71 -9.84
C CYS A 265 -8.34 -14.79 -8.37
N PRO A 266 -8.82 -13.70 -7.74
CA PRO A 266 -9.26 -13.81 -6.33
C PRO A 266 -10.42 -14.83 -6.17
N PRO A 267 -10.43 -15.63 -5.09
CA PRO A 267 -11.54 -16.59 -4.89
C PRO A 267 -12.89 -15.88 -4.65
N PHE A 268 -12.87 -14.71 -4.00
CA PHE A 268 -14.06 -13.90 -3.76
C PHE A 268 -13.86 -12.61 -4.52
N ASN A 269 -14.57 -12.46 -5.66
CA ASN A 269 -14.40 -11.31 -6.54
C ASN A 269 -15.72 -10.60 -6.81
N GLY A 270 -15.65 -9.36 -7.28
CA GLY A 270 -16.82 -8.55 -7.57
C GLY A 270 -16.50 -7.28 -8.31
N ALA A 271 -17.54 -6.59 -8.81
CA ALA A 271 -17.37 -5.33 -9.57
C ALA A 271 -17.10 -4.11 -8.66
N ASN A 272 -17.11 -4.28 -7.33
CA ASN A 272 -16.84 -3.21 -6.38
C ASN A 272 -16.54 -3.78 -5.00
N GLU A 273 -16.08 -2.93 -4.07
CA GLU A 273 -15.72 -3.34 -2.71
C GLU A 273 -16.86 -4.08 -2.00
N TYR A 274 -18.09 -3.55 -2.06
CA TYR A 274 -19.22 -4.16 -1.37
C TYR A 274 -19.58 -5.54 -1.97
N ASP A 275 -19.53 -5.70 -3.30
CA ASP A 275 -19.82 -7.01 -3.94
C ASP A 275 -18.79 -8.07 -3.52
N ILE A 276 -17.53 -7.66 -3.31
CA ILE A 276 -16.47 -8.58 -2.87
C ILE A 276 -16.74 -8.98 -1.42
N LEU A 277 -17.06 -8.01 -0.57
CA LEU A 277 -17.34 -8.28 0.85
C LEU A 277 -18.57 -9.18 0.99
N LYS A 278 -19.56 -9.07 0.08
CA LYS A 278 -20.73 -9.96 0.09
C LYS A 278 -20.31 -11.41 -0.18
N LYS A 279 -19.43 -11.61 -1.19
CA LYS A 279 -18.91 -12.94 -1.54
C LYS A 279 -18.11 -13.54 -0.40
N VAL A 280 -17.23 -12.74 0.21
CA VAL A 280 -16.40 -13.16 1.35
C VAL A 280 -17.30 -13.60 2.51
N GLU A 281 -18.29 -12.77 2.84
CA GLU A 281 -19.24 -13.04 3.92
C GLU A 281 -20.00 -14.36 3.69
N LYS A 282 -20.45 -14.63 2.45
CA LYS A 282 -21.13 -15.90 2.14
C LYS A 282 -20.12 -17.05 2.24
N GLY A 283 -18.86 -16.78 1.90
CA GLY A 283 -17.77 -17.72 2.03
C GLY A 283 -17.71 -18.81 0.98
N LYS A 284 -18.55 -18.73 -0.07
CA LYS A 284 -18.58 -19.74 -1.12
C LYS A 284 -17.62 -19.38 -2.24
N TYR A 285 -16.89 -20.36 -2.74
CA TYR A 285 -15.96 -20.21 -3.87
C TYR A 285 -15.85 -21.55 -4.59
N THR A 286 -15.18 -21.58 -5.74
CA THR A 286 -15.03 -22.82 -6.52
C THR A 286 -13.66 -22.92 -7.15
N PHE A 287 -13.27 -24.14 -7.56
CA PHE A 287 -12.06 -24.39 -8.33
C PHE A 287 -12.54 -24.71 -9.77
N GLU A 288 -13.50 -23.91 -10.28
CA GLU A 288 -14.14 -24.14 -11.59
C GLU A 288 -13.64 -23.15 -12.65
N LEU A 289 -12.31 -23.10 -12.83
CA LEU A 289 -11.67 -22.28 -13.87
C LEU A 289 -10.70 -23.21 -14.61
N PRO A 290 -10.50 -23.04 -15.94
CA PRO A 290 -9.64 -23.99 -16.68
C PRO A 290 -8.26 -24.22 -16.03
N GLN A 291 -7.61 -23.14 -15.58
CA GLN A 291 -6.29 -23.18 -14.94
C GLN A 291 -6.18 -24.16 -13.73
N TRP A 292 -7.29 -24.43 -13.01
CA TRP A 292 -7.26 -25.35 -11.86
C TRP A 292 -7.08 -26.84 -12.29
N LYS A 293 -7.29 -27.17 -13.58
CA LYS A 293 -7.12 -28.56 -14.05
C LYS A 293 -5.64 -29.02 -13.97
N LYS A 294 -4.68 -28.09 -14.13
CA LYS A 294 -3.23 -28.42 -14.07
C LYS A 294 -2.65 -28.30 -12.62
N VAL A 295 -3.50 -28.09 -11.59
CA VAL A 295 -3.06 -27.96 -10.20
C VAL A 295 -3.36 -29.27 -9.43
N SER A 296 -2.48 -29.63 -8.47
CA SER A 296 -2.60 -30.86 -7.69
C SER A 296 -3.79 -30.80 -6.72
N GLU A 297 -4.28 -31.97 -6.32
CA GLU A 297 -5.42 -32.10 -5.40
C GLU A 297 -5.01 -31.74 -3.96
N SER A 298 -3.71 -31.91 -3.61
CA SER A 298 -3.22 -31.54 -2.28
C SER A 298 -3.19 -30.01 -2.12
N ALA A 299 -2.89 -29.26 -3.21
CA ALA A 299 -2.92 -27.79 -3.17
C ALA A 299 -4.36 -27.32 -2.95
N LYS A 300 -5.32 -27.97 -3.64
CA LYS A 300 -6.75 -27.68 -3.50
C LYS A 300 -7.23 -28.05 -2.10
N ASP A 301 -6.72 -29.16 -1.55
CA ASP A 301 -7.09 -29.61 -0.19
C ASP A 301 -6.61 -28.62 0.87
N LEU A 302 -5.39 -28.08 0.73
CA LEU A 302 -4.86 -27.11 1.69
C LEU A 302 -5.68 -25.82 1.65
N ILE A 303 -6.06 -25.36 0.44
CA ILE A 303 -6.89 -24.16 0.27
C ILE A 303 -8.25 -24.38 0.94
N ARG A 304 -8.85 -25.58 0.78
CA ARG A 304 -10.15 -25.89 1.39
C ARG A 304 -10.07 -25.85 2.91
N LYS A 305 -8.96 -26.31 3.48
CA LYS A 305 -8.77 -26.31 4.92
C LYS A 305 -8.48 -24.87 5.42
N MET A 306 -7.75 -24.06 4.63
CA MET A 306 -7.43 -22.67 4.98
C MET A 306 -8.65 -21.75 4.79
N LEU A 307 -9.50 -22.01 3.78
CA LEU A 307 -10.70 -21.21 3.55
C LEU A 307 -11.95 -21.87 4.15
N THR A 308 -11.80 -22.56 5.31
CA THR A 308 -12.93 -23.14 6.03
C THR A 308 -13.59 -21.99 6.76
N TYR A 309 -14.93 -21.87 6.63
CA TYR A 309 -15.66 -20.73 7.17
C TYR A 309 -15.55 -20.61 8.69
N VAL A 310 -15.87 -21.67 9.43
CA VAL A 310 -15.85 -21.64 10.91
C VAL A 310 -14.39 -21.67 11.39
N PRO A 311 -13.90 -20.60 12.08
CA PRO A 311 -12.48 -20.54 12.46
C PRO A 311 -11.98 -21.71 13.31
N SER A 312 -12.81 -22.27 14.20
CA SER A 312 -12.39 -23.41 15.02
C SER A 312 -12.10 -24.66 14.14
N MET A 313 -12.83 -24.81 13.00
CA MET A 313 -12.64 -25.93 12.07
C MET A 313 -11.49 -25.68 11.09
N ARG A 314 -11.15 -24.40 10.86
CA ARG A 314 -10.07 -24.01 9.97
C ARG A 314 -8.73 -24.47 10.52
N ILE A 315 -7.85 -24.94 9.63
CA ILE A 315 -6.52 -25.43 9.99
C ILE A 315 -5.69 -24.29 10.61
N SER A 316 -4.76 -24.64 11.50
CA SER A 316 -3.88 -23.64 12.12
C SER A 316 -2.72 -23.35 11.16
N ALA A 317 -1.99 -22.25 11.40
CA ALA A 317 -0.82 -21.91 10.58
C ALA A 317 0.27 -22.99 10.77
N ARG A 318 0.37 -23.55 12.00
CA ARG A 318 1.34 -24.61 12.31
C ARG A 318 1.02 -25.88 11.54
N ASP A 319 -0.24 -26.34 11.60
CA ASP A 319 -0.69 -27.55 10.89
C ASP A 319 -0.64 -27.35 9.37
N ALA A 320 -0.75 -26.10 8.88
CA ALA A 320 -0.67 -25.82 7.44
C ALA A 320 0.75 -26.09 6.90
N LEU A 321 1.80 -25.97 7.75
CA LEU A 321 3.19 -26.31 7.35
C LEU A 321 3.36 -27.83 7.20
N ASP A 322 2.71 -28.62 8.08
CA ASP A 322 2.78 -30.08 8.03
C ASP A 322 1.90 -30.70 6.93
N HIS A 323 1.10 -29.88 6.21
CA HIS A 323 0.24 -30.40 5.13
C HIS A 323 1.08 -31.04 4.02
N GLU A 324 0.52 -32.08 3.37
CA GLU A 324 1.21 -32.84 2.31
C GLU A 324 1.72 -31.93 1.17
N TRP A 325 0.94 -30.93 0.76
CA TRP A 325 1.35 -30.02 -0.32
C TRP A 325 2.61 -29.25 0.05
N ILE A 326 2.72 -28.75 1.29
CA ILE A 326 3.90 -28.02 1.73
C ILE A 326 5.08 -29.00 1.89
N GLN A 327 4.85 -30.18 2.48
CA GLN A 327 5.91 -31.17 2.69
C GLN A 327 6.45 -31.75 1.35
N THR A 328 5.56 -32.01 0.38
CA THR A 328 5.94 -32.60 -0.90
C THR A 328 6.63 -31.61 -1.85
N TYR A 329 6.06 -30.39 -2.03
CA TYR A 329 6.55 -29.43 -3.02
C TYR A 329 7.71 -28.53 -2.51
N THR A 330 8.06 -28.56 -1.21
CA THR A 330 9.24 -27.81 -0.71
C THR A 330 10.48 -28.72 -0.69
N LYS A 331 10.29 -30.04 -0.45
CA LYS A 331 11.39 -31.01 -0.44
C LYS A 331 11.88 -31.32 -1.87
N VAL A 338 7.39 -30.68 -12.15
CA VAL A 338 6.20 -29.87 -11.92
C VAL A 338 5.95 -28.92 -13.11
N PRO A 339 4.70 -28.80 -13.60
CA PRO A 339 4.44 -27.92 -14.76
C PRO A 339 4.35 -26.45 -14.39
N SER A 340 4.68 -25.56 -15.35
CA SER A 340 4.60 -24.12 -15.14
C SER A 340 3.15 -23.67 -15.33
N LEU A 341 2.68 -22.75 -14.47
CA LEU A 341 1.32 -22.23 -14.52
C LEU A 341 1.29 -20.92 -15.31
N ASP A 342 1.27 -21.04 -16.66
CA ASP A 342 1.29 -19.87 -17.55
C ASP A 342 0.02 -19.04 -17.44
N ASN A 343 -1.15 -19.69 -17.45
CA ASN A 343 -2.44 -18.98 -17.33
C ASN A 343 -2.49 -18.14 -16.05
N ALA A 344 -1.94 -18.65 -14.94
CA ALA A 344 -1.92 -17.95 -13.66
C ALA A 344 -1.04 -16.69 -13.71
N ILE A 345 0.14 -16.76 -14.37
CA ILE A 345 1.05 -15.61 -14.49
C ILE A 345 0.34 -14.46 -15.25
N LEU A 346 -0.33 -14.79 -16.38
CA LEU A 346 -1.05 -13.81 -17.19
C LEU A 346 -2.16 -13.13 -16.38
N ASN A 347 -2.88 -13.90 -15.55
CA ASN A 347 -3.97 -13.35 -14.75
C ASN A 347 -3.43 -12.53 -13.56
N ILE A 348 -2.26 -12.91 -12.95
CA ILE A 348 -1.66 -12.10 -11.88
C ILE A 348 -1.14 -10.77 -12.49
N ARG A 349 -0.58 -10.82 -13.73
CA ARG A 349 -0.13 -9.62 -14.46
C ARG A 349 -1.30 -8.66 -14.64
N GLN A 350 -2.41 -9.17 -15.17
CA GLN A 350 -3.62 -8.39 -15.39
C GLN A 350 -4.15 -7.87 -14.05
N PHE A 351 -4.17 -8.73 -13.01
CA PHE A 351 -4.66 -8.33 -11.69
C PHE A 351 -3.78 -7.23 -11.08
N GLN A 352 -2.46 -7.43 -11.05
CA GLN A 352 -1.53 -6.45 -10.48
C GLN A 352 -1.62 -5.12 -11.23
N GLY A 353 -1.66 -5.17 -12.56
CA GLY A 353 -1.80 -3.99 -13.40
C GLY A 353 -3.10 -3.22 -13.13
N THR A 354 -4.21 -3.95 -12.91
CA THR A 354 -5.51 -3.33 -12.64
C THR A 354 -5.54 -2.66 -11.26
N GLN A 355 -5.00 -3.34 -10.24
CA GLN A 355 -4.95 -2.81 -8.87
C GLN A 355 -4.08 -1.54 -8.82
N LYS A 356 -2.93 -1.54 -9.51
CA LYS A 356 -1.99 -0.43 -9.50
C LYS A 356 -2.51 0.79 -10.28
N LEU A 357 -3.31 0.59 -11.34
CA LEU A 357 -3.88 1.72 -12.08
C LEU A 357 -4.99 2.37 -11.24
N ALA A 358 -5.82 1.55 -10.56
CA ALA A 358 -6.88 2.03 -9.68
C ALA A 358 -6.32 2.87 -8.52
N GLN A 359 -5.21 2.42 -7.91
CA GLN A 359 -4.55 3.15 -6.83
C GLN A 359 -3.95 4.45 -7.36
N ALA A 360 -3.18 4.36 -8.46
CA ALA A 360 -2.57 5.53 -9.10
C ALA A 360 -3.63 6.58 -9.47
N ALA A 361 -4.81 6.12 -9.94
CA ALA A 361 -5.92 7.02 -10.29
C ALA A 361 -6.43 7.75 -9.04
N LEU A 362 -6.64 7.02 -7.94
CA LEU A 362 -7.11 7.60 -6.68
C LEU A 362 -6.05 8.55 -6.07
N LEU A 363 -4.77 8.19 -6.15
CA LEU A 363 -3.68 9.03 -5.62
C LEU A 363 -3.49 10.29 -6.47
N TYR A 364 -3.77 10.19 -7.79
CA TYR A 364 -3.69 11.34 -8.70
C TYR A 364 -4.79 12.36 -8.36
N MET A 365 -6.01 11.87 -8.09
CA MET A 365 -7.13 12.76 -7.72
C MET A 365 -6.89 13.39 -6.35
N GLY A 366 -6.39 12.61 -5.40
CA GLY A 366 -6.05 13.08 -4.07
C GLY A 366 -4.97 14.16 -4.09
N SER A 367 -3.93 13.95 -4.91
CA SER A 367 -2.81 14.91 -5.05
C SER A 367 -3.28 16.20 -5.72
N LYS A 368 -4.28 16.12 -6.63
CA LYS A 368 -4.82 17.30 -7.30
C LYS A 368 -5.61 18.15 -6.29
N LEU A 369 -6.36 17.51 -5.38
CA LEU A 369 -7.10 18.22 -4.33
C LEU A 369 -6.13 18.79 -3.29
N THR A 370 -5.11 18.00 -2.88
CA THR A 370 -4.10 18.42 -1.91
C THR A 370 -3.31 19.63 -2.41
N SER A 371 -2.89 19.62 -3.68
CA SER A 371 -2.13 20.72 -4.26
C SER A 371 -2.98 21.99 -4.35
N GLN A 372 -4.28 21.85 -4.71
CA GLN A 372 -5.19 23.00 -4.79
C GLN A 372 -5.41 23.64 -3.39
N ASP A 373 -5.50 22.79 -2.35
CA ASP A 373 -5.64 23.24 -0.95
C ASP A 373 -4.39 24.02 -0.54
N GLU A 374 -3.20 23.43 -0.78
CA GLU A 374 -1.91 24.03 -0.42
C GLU A 374 -1.56 25.25 -1.30
N THR A 375 -2.06 25.29 -2.55
CA THR A 375 -1.77 26.42 -3.47
C THR A 375 -2.41 27.70 -2.93
N LYS A 376 -3.70 27.66 -2.58
CA LYS A 376 -4.40 28.82 -2.04
C LYS A 376 -3.90 29.17 -0.63
N GLU A 377 -3.55 28.16 0.18
CA GLU A 377 -3.05 28.36 1.55
C GLU A 377 -1.68 29.05 1.54
N LEU A 378 -0.76 28.58 0.68
CA LEU A 378 0.59 29.15 0.57
C LEU A 378 0.53 30.54 -0.08
N THR A 379 -0.44 30.77 -0.99
CA THR A 379 -0.64 32.08 -1.62
C THR A 379 -1.14 33.09 -0.57
N ALA A 380 -2.02 32.65 0.35
CA ALA A 380 -2.54 33.50 1.43
C ALA A 380 -1.45 33.82 2.45
N ILE A 381 -0.53 32.87 2.71
CA ILE A 381 0.59 33.07 3.63
C ILE A 381 1.58 34.08 3.03
N PHE A 382 1.94 33.92 1.75
CA PHE A 382 2.88 34.83 1.08
C PHE A 382 2.28 36.24 0.89
N HIS A 383 0.95 36.34 0.68
CA HIS A 383 0.29 37.64 0.50
C HIS A 383 0.35 38.47 1.79
N LYS A 384 0.14 37.83 2.96
CA LYS A 384 0.19 38.52 4.25
C LYS A 384 1.61 39.00 4.57
N MET A 385 2.64 38.22 4.19
CA MET A 385 4.04 38.59 4.42
C MET A 385 4.49 39.72 3.48
N ASP A 386 3.89 39.83 2.28
CA ASP A 386 4.26 40.86 1.30
C ASP A 386 3.77 42.24 1.78
N LYS A 387 4.67 43.03 2.39
CA LYS A 387 4.34 44.35 2.94
C LYS A 387 4.24 45.41 1.82
N ASN A 388 5.16 45.39 0.85
CA ASN A 388 5.20 46.36 -0.25
C ASN A 388 3.98 46.23 -1.18
N GLY A 389 3.60 44.99 -1.47
CA GLY A 389 2.50 44.69 -2.38
C GLY A 389 2.94 44.50 -3.82
N ASP A 390 4.27 44.50 -4.07
CA ASP A 390 4.83 44.33 -5.43
C ASP A 390 4.74 42.86 -5.91
N GLY A 391 4.46 41.92 -4.99
CA GLY A 391 4.33 40.51 -5.31
C GLY A 391 5.63 39.73 -5.24
N GLN A 392 6.72 40.37 -4.76
CA GLN A 392 8.04 39.75 -4.67
C GLN A 392 8.44 39.54 -3.21
N LEU A 393 9.22 38.49 -2.94
CA LEU A 393 9.70 38.17 -1.59
C LEU A 393 11.16 37.70 -1.65
N ASP A 394 11.85 37.73 -0.50
CA ASP A 394 13.24 37.28 -0.42
C ASP A 394 13.25 35.75 -0.23
N ARG A 395 14.43 35.12 -0.42
CA ARG A 395 14.55 33.66 -0.24
C ARG A 395 14.24 33.25 1.21
N ALA A 396 14.71 34.06 2.18
CA ALA A 396 14.47 33.80 3.61
C ALA A 396 12.97 33.92 3.97
N GLU A 397 12.26 34.85 3.30
CA GLU A 397 10.81 35.05 3.54
C GLU A 397 10.03 33.84 3.03
N LEU A 398 10.36 33.34 1.81
CA LEU A 398 9.71 32.17 1.23
C LEU A 398 9.84 30.94 2.15
N ILE A 399 11.01 30.77 2.82
CA ILE A 399 11.22 29.68 3.77
C ILE A 399 10.27 29.84 4.97
N GLU A 400 10.18 31.09 5.51
CA GLU A 400 9.29 31.39 6.65
C GLU A 400 7.81 31.06 6.33
N GLY A 401 7.40 31.31 5.08
CA GLY A 401 6.05 31.00 4.62
C GLY A 401 5.83 29.52 4.41
N TYR A 402 6.85 28.81 3.88
CA TYR A 402 6.78 27.36 3.67
C TYR A 402 6.75 26.64 5.04
N LYS A 403 7.59 27.11 5.99
CA LYS A 403 7.60 26.55 7.36
C LYS A 403 6.24 26.78 8.05
N GLU A 404 5.57 27.91 7.73
CA GLU A 404 4.24 28.22 8.27
C GLU A 404 3.17 27.26 7.72
N LEU A 405 3.34 26.79 6.45
CA LEU A 405 2.41 25.83 5.83
C LEU A 405 2.44 24.50 6.60
N MET A 406 3.65 23.99 6.92
CA MET A 406 3.80 22.76 7.69
C MET A 406 3.38 22.98 9.16
N ARG A 407 3.55 24.22 9.68
CA ARG A 407 3.12 24.54 11.06
C ARG A 407 1.57 24.50 11.17
N MET A 408 0.85 24.74 10.04
CA MET A 408 -0.62 24.72 10.02
C MET A 408 -1.17 23.31 9.73
N LYS A 409 -0.64 22.61 8.69
CA LYS A 409 -1.16 21.29 8.30
C LYS A 409 -0.41 20.11 8.99
N GLY A 410 0.69 20.39 9.69
CA GLY A 410 1.49 19.36 10.35
C GLY A 410 2.72 18.98 9.54
N GLN A 411 3.69 18.29 10.18
CA GLN A 411 4.95 17.91 9.53
C GLN A 411 4.71 16.87 8.41
N ASP A 412 5.10 17.20 7.17
CA ASP A 412 4.93 16.30 6.02
C ASP A 412 5.96 15.18 6.07
N ALA A 413 5.56 13.96 5.67
CA ALA A 413 6.44 12.80 5.68
C ALA A 413 7.23 12.72 4.37
N MET A 415 10.08 16.10 4.63
CA MET A 415 10.00 17.29 5.46
C MET A 415 9.92 16.91 6.95
N LEU A 416 10.89 16.09 7.41
CA LEU A 416 10.94 15.62 8.81
C LEU A 416 11.35 16.73 9.79
N ASP A 417 12.33 17.57 9.40
CA ASP A 417 12.83 18.66 10.24
C ASP A 417 13.02 19.95 9.42
N ALA A 418 13.45 21.04 10.08
CA ALA A 418 13.68 22.35 9.44
C ALA A 418 14.76 22.29 8.33
N SER A 419 15.76 21.40 8.48
CA SER A 419 16.83 21.26 7.47
C SER A 419 16.28 20.76 6.13
N ALA A 420 15.28 19.86 6.15
CA ALA A 420 14.65 19.34 4.94
C ALA A 420 13.81 20.41 4.22
N VAL A 421 13.27 21.40 4.97
CA VAL A 421 12.46 22.47 4.41
C VAL A 421 13.35 23.49 3.69
N GLU A 422 14.50 23.85 4.29
CA GLU A 422 15.43 24.83 3.70
C GLU A 422 15.95 24.28 2.35
N HIS A 423 16.27 22.98 2.30
CA HIS A 423 16.77 22.36 1.06
C HIS A 423 15.63 22.21 0.04
N GLU A 424 14.40 21.90 0.49
CA GLU A 424 13.23 21.77 -0.39
C GLU A 424 12.91 23.13 -1.05
N VAL A 425 13.04 24.23 -0.29
CA VAL A 425 12.80 25.59 -0.80
C VAL A 425 13.96 25.99 -1.74
N ASP A 426 15.21 25.61 -1.40
CA ASP A 426 16.38 25.90 -2.25
C ASP A 426 16.25 25.20 -3.61
N GLN A 427 15.73 23.96 -3.63
CA GLN A 427 15.51 23.21 -4.88
C GLN A 427 14.51 23.94 -5.79
N VAL A 428 13.47 24.57 -5.19
CA VAL A 428 12.47 25.35 -5.94
C VAL A 428 13.10 26.69 -6.37
N LEU A 429 13.81 27.37 -5.44
CA LEU A 429 14.45 28.67 -5.72
C LEU A 429 15.48 28.57 -6.86
N ASP A 430 16.18 27.43 -6.99
CA ASP A 430 17.14 27.21 -8.07
C ASP A 430 16.41 27.03 -9.41
N ALA A 431 15.25 26.34 -9.41
CA ALA A 431 14.44 26.15 -10.62
C ALA A 431 13.77 27.46 -11.03
N VAL A 432 13.07 28.12 -10.08
CA VAL A 432 12.39 29.39 -10.32
C VAL A 432 13.32 30.55 -9.97
N ILE A 440 12.24 37.53 -6.94
CA ILE A 440 11.41 36.56 -7.64
C ILE A 440 9.95 36.66 -7.18
N GLU A 441 9.00 36.56 -8.14
CA GLU A 441 7.56 36.63 -7.81
C GLU A 441 7.12 35.34 -7.14
N TYR A 442 6.38 35.43 -6.02
CA TYR A 442 5.96 34.24 -5.27
C TYR A 442 4.86 33.45 -6.03
N SER A 443 4.22 34.06 -7.06
CA SER A 443 3.23 33.35 -7.89
C SER A 443 3.93 32.23 -8.68
N GLU A 444 5.11 32.53 -9.26
CA GLU A 444 5.89 31.54 -10.02
C GLU A 444 6.46 30.47 -9.08
N PHE A 445 6.90 30.86 -7.86
CA PHE A 445 7.42 29.91 -6.86
C PHE A 445 6.32 28.92 -6.44
N VAL A 446 5.08 29.41 -6.27
CA VAL A 446 3.95 28.56 -5.86
C VAL A 446 3.71 27.45 -6.88
N THR A 447 3.71 27.80 -8.18
CA THR A 447 3.49 26.81 -9.25
C THR A 447 4.54 25.70 -9.22
N VAL A 448 5.84 26.06 -9.13
CA VAL A 448 6.91 25.06 -9.15
C VAL A 448 6.86 24.21 -7.87
N ALA A 449 6.81 24.86 -6.69
CA ALA A 449 6.77 24.16 -5.38
C ALA A 449 5.66 23.11 -5.32
N MET A 450 4.46 23.45 -5.84
CA MET A 450 3.30 22.55 -5.82
C MET A 450 3.38 21.51 -6.96
N ASP A 451 3.97 21.87 -8.13
CA ASP A 451 4.08 20.93 -9.24
C ASP A 451 5.06 19.77 -8.93
N ARG A 452 5.99 19.96 -7.97
CA ARG A 452 6.93 18.90 -7.57
C ARG A 452 6.18 17.74 -6.87
N LYS A 453 4.99 18.01 -6.28
CA LYS A 453 4.16 16.97 -5.64
C LYS A 453 3.18 16.34 -6.64
N THR A 454 2.60 17.14 -7.56
CA THR A 454 1.61 16.64 -8.53
C THR A 454 2.26 15.81 -9.65
N LEU A 455 3.41 16.27 -10.17
CA LEU A 455 4.10 15.57 -11.27
C LEU A 455 4.65 14.19 -10.83
N LEU A 456 4.87 13.98 -9.52
CA LEU A 456 5.29 12.66 -9.01
C LEU A 456 4.10 11.68 -9.12
N SER A 457 2.88 12.16 -8.81
CA SER A 457 1.66 11.35 -8.91
C SER A 457 1.20 11.21 -10.38
N ARG A 458 1.41 12.25 -11.23
CA ARG A 458 1.02 12.18 -12.65
C ARG A 458 1.95 11.21 -13.41
N GLU A 459 3.25 11.19 -13.09
CA GLU A 459 4.19 10.26 -13.73
C GLU A 459 3.82 8.82 -13.35
N ARG A 460 3.41 8.62 -12.08
CA ARG A 460 2.95 7.31 -11.61
C ARG A 460 1.68 6.90 -12.36
N LEU A 461 0.76 7.86 -12.61
CA LEU A 461 -0.48 7.60 -13.33
C LEU A 461 -0.21 7.15 -14.77
N GLU A 462 0.62 7.91 -15.51
CA GLU A 462 0.96 7.57 -16.89
C GLU A 462 1.68 6.23 -16.95
N ARG A 463 2.67 6.04 -16.05
CA ARG A 463 3.42 4.78 -15.96
C ARG A 463 2.47 3.62 -15.69
N ALA A 464 1.50 3.79 -14.77
CA ALA A 464 0.51 2.75 -14.45
C ALA A 464 -0.42 2.50 -15.64
N PHE A 465 -0.82 3.57 -16.37
CA PHE A 465 -1.65 3.44 -17.59
C PHE A 465 -0.87 2.64 -18.64
N ARG A 466 0.41 2.99 -18.87
CA ARG A 466 1.27 2.30 -19.85
C ARG A 466 1.43 0.84 -19.49
N MET A 467 1.64 0.53 -18.19
CA MET A 467 1.77 -0.86 -17.73
C MET A 467 0.45 -1.62 -17.93
N PHE A 468 -0.70 -0.99 -17.59
CA PHE A 468 -2.02 -1.60 -17.79
C PHE A 468 -2.25 -1.87 -19.27
N ASP A 469 -1.86 -0.92 -20.13
CA ASP A 469 -1.97 -1.05 -21.57
C ASP A 469 -0.86 -2.02 -22.07
N SER A 470 -1.03 -3.32 -21.79
CA SER A 470 -0.03 -4.36 -22.08
C SER A 470 0.17 -4.59 -23.58
N ASP A 471 -0.88 -4.40 -24.41
CA ASP A 471 -0.76 -4.59 -25.87
C ASP A 471 -0.25 -3.29 -26.58
N ASN A 472 0.07 -2.21 -25.82
CA ASN A 472 0.58 -0.93 -26.32
C ASN A 472 -0.33 -0.31 -27.42
N SER A 473 -1.65 -0.49 -27.28
CA SER A 473 -2.61 0.08 -28.23
C SER A 473 -2.79 1.59 -28.03
N GLY A 474 -2.40 2.09 -26.85
CA GLY A 474 -2.55 3.48 -26.48
C GLY A 474 -3.90 3.81 -25.87
N LYS A 475 -4.81 2.82 -25.79
CA LYS A 475 -6.16 3.03 -25.30
C LYS A 475 -6.58 1.93 -24.32
N ILE A 476 -7.66 2.19 -23.57
CA ILE A 476 -8.29 1.21 -22.69
C ILE A 476 -9.78 1.19 -23.02
N SER A 477 -10.37 -0.01 -23.10
CA SER A 477 -11.78 -0.16 -23.48
C SER A 477 -12.73 0.30 -22.39
N SER A 478 -14.02 0.41 -22.72
CA SER A 478 -15.07 0.77 -21.77
C SER A 478 -15.22 -0.30 -20.68
N THR A 479 -15.03 -1.59 -21.06
CA THR A 479 -15.08 -2.72 -20.11
C THR A 479 -13.94 -2.61 -19.11
N GLU A 480 -12.72 -2.25 -19.60
CA GLU A 480 -11.55 -2.09 -18.74
C GLU A 480 -11.74 -0.90 -17.79
N LEU A 481 -12.38 0.20 -18.27
CA LEU A 481 -12.68 1.35 -17.40
C LEU A 481 -13.62 0.93 -16.29
N ALA A 482 -14.67 0.14 -16.61
CA ALA A 482 -15.63 -0.34 -15.62
C ALA A 482 -14.94 -1.19 -14.55
N THR A 483 -13.96 -2.02 -14.96
CA THR A 483 -13.18 -2.84 -14.02
C THR A 483 -12.29 -1.92 -13.16
N ILE A 484 -11.58 -0.95 -13.79
CA ILE A 484 -10.69 -0.01 -13.07
C ILE A 484 -11.51 0.81 -12.06
N PHE A 485 -12.57 1.49 -12.52
CA PHE A 485 -13.42 2.33 -11.66
C PHE A 485 -14.17 1.48 -10.62
N GLY A 486 -14.37 0.19 -10.90
CA GLY A 486 -14.94 -0.76 -9.96
C GLY A 486 -14.01 -0.98 -8.78
N VAL A 487 -12.71 -1.18 -9.06
CA VAL A 487 -11.68 -1.36 -8.01
C VAL A 487 -11.47 0.00 -7.27
N SER A 488 -11.56 1.14 -7.99
CA SER A 488 -11.43 2.48 -7.39
C SER A 488 -12.71 2.93 -6.66
N ASP A 489 -13.83 2.19 -6.82
CA ASP A 489 -15.11 2.46 -6.18
C ASP A 489 -15.72 3.81 -6.65
N VAL A 490 -15.68 4.06 -7.97
CA VAL A 490 -16.31 5.23 -8.57
C VAL A 490 -17.59 4.71 -9.22
N ASP A 491 -18.76 5.17 -8.75
CA ASP A 491 -20.08 4.74 -9.25
C ASP A 491 -20.11 4.77 -10.80
N SER A 492 -20.72 3.74 -11.42
CA SER A 492 -20.75 3.58 -12.89
C SER A 492 -21.38 4.77 -13.62
N GLU A 493 -22.51 5.29 -13.12
CA GLU A 493 -23.21 6.41 -13.75
C GLU A 493 -22.38 7.72 -13.67
N THR A 494 -21.51 7.85 -12.65
CA THR A 494 -20.72 9.07 -12.48
C THR A 494 -19.58 9.13 -13.52
N TRP A 495 -18.81 8.04 -13.71
CA TRP A 495 -17.69 8.09 -14.67
C TRP A 495 -18.21 8.10 -16.12
N LYS A 496 -19.27 7.32 -16.43
CA LYS A 496 -19.84 7.28 -17.79
C LYS A 496 -20.29 8.69 -18.23
N SER A 497 -20.89 9.45 -17.31
CA SER A 497 -21.32 10.84 -17.57
C SER A 497 -20.09 11.75 -17.79
N VAL A 498 -19.05 11.58 -16.97
CA VAL A 498 -17.81 12.37 -17.06
C VAL A 498 -17.10 12.10 -18.41
N LEU A 499 -17.14 10.85 -18.91
CA LEU A 499 -16.52 10.51 -20.20
C LEU A 499 -17.18 11.29 -21.36
N SER A 500 -18.53 11.39 -21.34
CA SER A 500 -19.29 12.09 -22.38
C SER A 500 -18.98 13.60 -22.42
N GLU A 501 -18.61 14.20 -21.27
CA GLU A 501 -18.27 15.62 -21.19
C GLU A 501 -16.91 15.90 -21.85
N VAL A 502 -15.91 15.02 -21.58
CA VAL A 502 -14.56 15.19 -22.16
C VAL A 502 -14.57 14.73 -23.63
N ASP A 503 -15.08 13.51 -23.90
CA ASP A 503 -15.17 12.95 -25.26
C ASP A 503 -16.55 13.19 -25.85
N ASP A 507 -15.89 6.46 -28.55
CA ASP A 507 -16.22 5.24 -29.27
C ASP A 507 -15.83 3.99 -28.44
N GLY A 508 -16.25 3.96 -27.18
CA GLY A 508 -16.02 2.84 -26.29
C GLY A 508 -14.59 2.67 -25.80
N GLU A 509 -13.72 3.68 -25.99
CA GLU A 509 -12.33 3.60 -25.54
C GLU A 509 -11.76 5.00 -25.33
N VAL A 510 -10.76 5.11 -24.44
CA VAL A 510 -10.13 6.40 -24.12
C VAL A 510 -8.61 6.27 -24.15
N ASP A 511 -7.91 7.35 -24.55
CA ASP A 511 -6.46 7.39 -24.50
C ASP A 511 -6.02 7.91 -23.12
N PHE A 512 -4.71 8.05 -22.88
CA PHE A 512 -4.21 8.49 -21.58
C PHE A 512 -4.71 9.91 -21.21
N ASP A 513 -4.62 10.88 -22.15
CA ASP A 513 -5.06 12.25 -21.86
C ASP A 513 -6.55 12.29 -21.54
N GLU A 514 -7.37 11.54 -22.29
CA GLU A 514 -8.80 11.44 -22.03
C GLU A 514 -9.07 10.79 -20.67
N PHE A 515 -8.30 9.74 -20.31
CA PHE A 515 -8.43 9.09 -19.00
C PHE A 515 -8.07 10.08 -17.89
N GLN A 516 -6.97 10.84 -18.06
CA GLN A 516 -6.55 11.85 -17.10
C GLN A 516 -7.61 12.94 -16.96
N GLN A 517 -8.21 13.38 -18.10
CA GLN A 517 -9.29 14.37 -18.09
C GLN A 517 -10.50 13.85 -17.31
N MET A 518 -10.81 12.54 -17.41
CA MET A 518 -11.92 11.96 -16.64
C MET A 518 -11.63 12.05 -15.14
N LEU A 519 -10.40 11.70 -14.70
CA LEU A 519 -10.02 11.77 -13.28
C LEU A 519 -10.06 13.20 -12.77
N LEU A 520 -9.64 14.18 -13.60
CA LEU A 520 -9.70 15.60 -13.21
C LEU A 520 -11.15 16.04 -13.01
N LYS A 521 -12.05 15.64 -13.92
CA LYS A 521 -13.47 15.96 -13.80
C LYS A 521 -14.11 15.23 -12.60
N LEU A 522 -13.58 14.04 -12.24
CA LEU A 522 -14.07 13.28 -11.07
C LEU A 522 -13.56 13.88 -9.72
N CYS A 523 -12.75 14.97 -9.72
CA CYS A 523 -12.29 15.60 -8.48
C CYS A 523 -12.45 17.14 -8.56
N GLY A 524 -13.50 17.59 -9.25
CA GLY A 524 -13.84 19.01 -9.35
C GLY A 524 -12.88 19.88 -10.14
N ASN A 525 -12.40 19.36 -11.29
CA ASN A 525 -11.49 20.10 -12.17
C ASN A 525 -11.81 19.78 -13.65
#